data_5UMM
#
_entry.id   5UMM
#
_cell.length_a   26.567
_cell.length_b   87.895
_cell.length_c   36.576
_cell.angle_alpha   90.00
_cell.angle_beta   92.30
_cell.angle_gamma   90.00
#
_symmetry.space_group_name_H-M   'P 1 21 1'
#
loop_
_entity.id
_entity.type
_entity.pdbx_description
1 polymer 'E3 ubiquitin-protein ligase Mdm2'
2 polymer 'PEPTIDE INHIBITOR M3'
3 non-polymer 'CHLORIDE ION'
4 water water
#
loop_
_entity_poly.entity_id
_entity_poly.type
_entity_poly.pdbx_seq_one_letter_code
_entity_poly.pdbx_strand_id
1 'polypeptide(L)'
;ETLVRPKPLLLKLLKSVGAQKDTYTMKEVLFYLGQYIMTKRLYDEKQQHIVYCSNDLLGDLFGVPSFSVKEHRKIYTMIY
RNLVV
;
A,C
2 'polypeptide(L)' LTFLEYWAQLMQ B,D
#
loop_
_chem_comp.id
_chem_comp.type
_chem_comp.name
_chem_comp.formula
CL non-polymer 'CHLORIDE ION' 'Cl -1'
#
# COMPACT_ATOMS: atom_id res chain seq x y z
N LEU A 3 10.34 3.35 -12.50
CA LEU A 3 11.33 4.17 -11.80
C LEU A 3 12.48 3.27 -11.31
N VAL A 4 12.22 2.30 -10.45
CA VAL A 4 13.32 1.46 -9.86
C VAL A 4 13.24 -0.03 -10.25
N ARG A 5 14.41 -0.69 -10.29
CA ARG A 5 14.61 -2.07 -10.69
C ARG A 5 15.24 -2.82 -9.48
N PRO A 6 14.44 -3.63 -8.83
CA PRO A 6 14.99 -4.44 -7.70
C PRO A 6 16.06 -5.36 -8.21
N LYS A 7 17.09 -5.54 -7.39
CA LYS A 7 18.08 -6.54 -7.64
C LYS A 7 17.40 -7.94 -7.37
N PRO A 8 18.09 -9.02 -7.74
CA PRO A 8 17.38 -10.29 -7.79
C PRO A 8 16.82 -10.78 -6.48
N LEU A 9 17.52 -10.62 -5.38
CA LEU A 9 16.92 -11.13 -4.13
C LEU A 9 15.66 -10.36 -3.71
N LEU A 10 15.72 -9.04 -3.82
CA LEU A 10 14.53 -8.26 -3.53
C LEU A 10 13.41 -8.54 -4.50
N LEU A 11 13.77 -8.74 -5.77
CA LEU A 11 12.78 -9.12 -6.70
C LEU A 11 12.08 -10.45 -6.33
N LYS A 12 12.84 -11.44 -5.85
CA LYS A 12 12.28 -12.68 -5.41
C LYS A 12 11.28 -12.45 -4.23
N LEU A 13 11.64 -11.58 -3.30
CA LEU A 13 10.74 -11.29 -2.15
C LEU A 13 9.43 -10.66 -2.68
N LEU A 14 9.56 -9.73 -3.64
CA LEU A 14 8.36 -9.05 -4.14
C LEU A 14 7.50 -10.03 -4.92
N LYS A 15 8.11 -10.92 -5.68
CA LYS A 15 7.36 -11.90 -6.41
C LYS A 15 6.59 -12.93 -5.52
N SER A 16 7.11 -13.23 -4.37
CA SER A 16 6.45 -14.10 -3.45
C SER A 16 5.13 -13.53 -2.95
N VAL A 17 4.84 -12.20 -3.04
CA VAL A 17 3.59 -11.69 -2.62
C VAL A 17 2.86 -11.22 -3.83
N GLY A 18 3.16 -11.77 -4.98
CA GLY A 18 2.41 -11.41 -6.07
C GLY A 18 2.87 -10.43 -7.12
N ALA A 19 3.99 -9.78 -6.85
CA ALA A 19 4.41 -8.73 -7.75
C ALA A 19 4.99 -9.44 -9.00
N GLN A 20 4.74 -8.95 -10.18
CA GLN A 20 5.19 -9.69 -11.34
C GLN A 20 6.14 -8.91 -12.22
N LYS A 21 6.20 -7.60 -12.04
CA LYS A 21 6.91 -6.65 -12.93
C LYS A 21 8.41 -6.62 -12.62
N ASP A 22 9.20 -6.07 -13.56
CA ASP A 22 10.62 -5.79 -13.22
C ASP A 22 10.93 -4.42 -12.64
N THR A 23 10.06 -3.47 -12.89
CA THR A 23 10.33 -2.08 -12.49
C THR A 23 9.08 -1.60 -11.77
N TYR A 24 9.31 -0.84 -10.75
CA TYR A 24 8.32 -0.41 -9.79
C TYR A 24 8.60 1.01 -9.40
N THR A 25 7.59 1.71 -9.00
CA THR A 25 7.83 2.79 -8.05
C THR A 25 8.24 2.38 -6.71
N MET A 26 8.85 3.31 -6.00
CA MET A 26 9.20 3.10 -4.62
C MET A 26 7.98 2.79 -3.76
N LYS A 27 6.89 3.52 -4.04
CA LYS A 27 5.68 3.27 -3.26
C LYS A 27 5.22 1.85 -3.45
N GLU A 28 5.29 1.32 -4.68
CA GLU A 28 4.87 -0.08 -4.90
C GLU A 28 5.84 -1.04 -4.22
N VAL A 29 7.17 -0.82 -4.28
CA VAL A 29 8.11 -1.64 -3.53
C VAL A 29 7.76 -1.70 -2.06
N LEU A 30 7.49 -0.52 -1.49
CA LEU A 30 7.07 -0.44 -0.11
C LEU A 30 5.79 -1.15 0.19
N PHE A 31 4.77 -1.00 -0.69
CA PHE A 31 3.51 -1.75 -0.53
C PHE A 31 3.80 -3.27 -0.43
N TYR A 32 4.51 -3.82 -1.41
CA TYR A 32 4.78 -5.26 -1.43
C TYR A 32 5.64 -5.75 -0.27
N LEU A 33 6.60 -4.94 0.18
CA LEU A 33 7.36 -5.27 1.29
C LEU A 33 6.54 -5.29 2.55
N GLY A 34 5.66 -4.31 2.72
CA GLY A 34 4.73 -4.37 3.90
C GLY A 34 3.88 -5.61 3.83
N GLN A 35 3.39 -5.98 2.65
CA GLN A 35 2.62 -7.21 2.56
C GLN A 35 3.43 -8.47 2.88
N TYR A 36 4.70 -8.49 2.51
CA TYR A 36 5.62 -9.60 2.81
C TYR A 36 5.77 -9.78 4.36
N ILE A 37 5.95 -8.63 5.02
CA ILE A 37 6.12 -8.65 6.47
C ILE A 37 4.90 -9.12 7.15
N MET A 38 3.76 -8.50 6.76
CA MET A 38 2.50 -8.91 7.31
C MET A 38 2.10 -10.36 7.16
N THR A 39 2.25 -10.85 5.95
CA THR A 39 1.78 -12.17 5.68
C THR A 39 2.67 -13.26 6.29
N LYS A 40 3.96 -13.03 6.45
CA LYS A 40 4.87 -13.92 7.14
C LYS A 40 4.94 -13.69 8.64
N ARG A 41 4.11 -12.79 9.15
CA ARG A 41 4.08 -12.55 10.60
C ARG A 41 5.45 -12.21 11.18
N LEU A 42 6.18 -11.39 10.52
CA LEU A 42 7.58 -10.98 10.92
C LEU A 42 7.54 -9.87 12.03
N TYR A 43 6.40 -9.20 12.25
CA TYR A 43 6.35 -8.06 13.18
C TYR A 43 5.97 -8.66 14.56
N ASP A 44 6.44 -8.00 15.63
CA ASP A 44 6.10 -8.33 16.99
C ASP A 44 4.62 -8.03 17.22
N GLU A 45 3.90 -8.91 17.86
CA GLU A 45 2.45 -8.75 17.97
C GLU A 45 2.10 -7.69 19.06
N LYS A 46 2.98 -7.42 19.98
CA LYS A 46 2.73 -6.35 21.01
C LYS A 46 3.35 -4.97 20.66
N GLN A 47 4.57 -4.92 20.18
CA GLN A 47 5.18 -3.62 19.74
C GLN A 47 5.31 -3.82 18.24
N GLN A 48 4.32 -3.36 17.47
CA GLN A 48 4.23 -3.76 16.08
C GLN A 48 5.06 -3.00 15.13
N HIS A 49 5.89 -2.10 15.63
CA HIS A 49 6.91 -1.50 14.79
C HIS A 49 8.21 -2.35 14.73
N ILE A 50 8.36 -3.36 15.60
CA ILE A 50 9.50 -4.24 15.61
C ILE A 50 9.34 -5.33 14.57
N VAL A 51 10.31 -5.45 13.67
CA VAL A 51 10.30 -6.52 12.68
C VAL A 51 11.45 -7.45 12.87
N TYR A 52 11.14 -8.74 13.08
CA TYR A 52 12.16 -9.81 13.21
C TYR A 52 12.53 -10.37 11.86
N CYS A 53 13.78 -10.29 11.48
CA CYS A 53 14.09 -10.86 10.19
C CYS A 53 15.25 -11.83 10.12
N SER A 54 15.75 -12.25 11.26
CA SER A 54 16.97 -13.08 11.22
C SER A 54 16.48 -14.46 10.69
N ASN A 55 17.28 -15.21 10.03
CA ASN A 55 16.69 -16.41 9.39
C ASN A 55 15.38 -16.24 8.41
N ASP A 56 15.06 -15.05 7.93
CA ASP A 56 14.15 -14.85 6.80
C ASP A 56 15.04 -14.25 5.77
N LEU A 57 14.69 -14.43 4.49
CA LEU A 57 15.33 -13.67 3.38
C LEU A 57 15.46 -12.19 3.59
N LEU A 58 14.50 -11.58 4.27
CA LEU A 58 14.59 -10.20 4.52
C LEU A 58 15.83 -9.76 5.35
N GLY A 59 16.28 -10.63 6.25
CA GLY A 59 17.47 -10.36 7.04
C GLY A 59 18.69 -10.38 6.17
N ASP A 60 18.75 -11.30 5.25
CA ASP A 60 19.82 -11.34 4.27
C ASP A 60 19.91 -10.11 3.41
N LEU A 61 18.75 -9.65 2.94
CA LEU A 61 18.56 -8.41 2.13
C LEU A 61 19.06 -7.14 2.84
N PHE A 62 18.68 -7.02 4.08
CA PHE A 62 18.98 -5.87 4.85
C PHE A 62 20.23 -5.99 5.61
N GLY A 63 20.63 -7.19 5.97
CA GLY A 63 21.80 -7.32 6.68
C GLY A 63 21.66 -7.07 8.14
N VAL A 64 20.48 -7.17 8.63
CA VAL A 64 20.24 -6.91 10.07
C VAL A 64 19.37 -8.03 10.61
N PRO A 65 19.51 -8.37 11.88
CA PRO A 65 18.54 -9.34 12.45
C PRO A 65 17.12 -8.85 12.85
N SER A 66 16.99 -7.54 13.05
CA SER A 66 15.74 -6.92 13.33
C SER A 66 15.89 -5.49 12.97
N PHE A 67 14.75 -4.85 12.82
CA PHE A 67 14.68 -3.44 12.70
C PHE A 67 13.39 -2.84 13.24
N SER A 68 13.36 -1.51 13.39
CA SER A 68 12.10 -0.84 13.72
C SER A 68 11.60 -0.08 12.48
N VAL A 69 10.29 -0.19 12.29
CA VAL A 69 9.63 0.56 11.25
C VAL A 69 9.78 2.06 11.40
N LYS A 70 9.98 2.56 12.62
CA LYS A 70 10.20 3.96 12.86
C LYS A 70 11.48 4.59 12.35
N GLU A 71 12.46 3.77 12.04
CA GLU A 71 13.74 4.19 11.48
C GLU A 71 13.59 4.40 10.00
N HIS A 72 12.91 5.46 9.62
CA HIS A 72 12.58 5.58 8.19
C HIS A 72 13.76 5.72 7.30
N ARG A 73 14.68 6.59 7.66
CA ARG A 73 15.82 6.86 6.77
C ARG A 73 16.66 5.52 6.59
N LYS A 74 16.89 4.79 7.71
CA LYS A 74 17.59 3.49 7.63
C LYS A 74 16.91 2.50 6.69
N ILE A 75 15.59 2.43 6.72
CA ILE A 75 14.86 1.48 5.90
C ILE A 75 14.99 1.88 4.44
N TYR A 76 14.88 3.19 4.14
CA TYR A 76 15.07 3.70 2.74
C TYR A 76 16.44 3.32 2.25
N THR A 77 17.42 3.54 3.10
CA THR A 77 18.78 3.29 2.71
C THR A 77 18.98 1.78 2.38
N MET A 78 18.53 0.94 3.29
CA MET A 78 18.60 -0.52 3.09
C MET A 78 17.90 -0.96 1.81
N ILE A 79 16.74 -0.40 1.53
CA ILE A 79 16.05 -0.69 0.30
C ILE A 79 16.82 -0.31 -0.91
N TYR A 80 17.31 0.93 -0.97
CA TYR A 80 18.02 1.39 -2.10
C TYR A 80 19.31 0.63 -2.37
N ARG A 81 19.98 0.10 -1.34
CA ARG A 81 21.13 -0.88 -1.56
C ARG A 81 20.70 -2.16 -2.33
N ASN A 82 19.41 -2.34 -2.55
CA ASN A 82 18.77 -3.51 -3.23
C ASN A 82 18.04 -3.10 -4.52
N LEU A 83 18.33 -1.93 -5.06
CA LEU A 83 17.66 -1.31 -6.21
C LEU A 83 18.76 -0.90 -7.15
N VAL A 84 18.41 -0.83 -8.42
CA VAL A 84 19.23 -0.04 -9.41
C VAL A 84 18.34 1.01 -10.21
N LEU B 1 0.05 1.62 17.78
CA LEU B 1 -0.42 1.49 16.36
C LEU B 1 -0.11 0.09 15.93
N THR B 2 -0.78 -0.30 14.82
CA THR B 2 -0.54 -1.57 14.26
C THR B 2 0.59 -1.48 13.26
N PHE B 3 1.08 -2.65 12.91
CA PHE B 3 2.10 -2.67 11.94
C PHE B 3 1.83 -1.86 10.69
N LEU B 4 0.67 -2.09 10.08
CA LEU B 4 0.40 -1.41 8.83
C LEU B 4 0.24 0.12 9.03
N GLU B 5 -0.24 0.57 10.20
CA GLU B 5 -0.23 1.97 10.53
C GLU B 5 1.19 2.54 10.65
N TYR B 6 2.14 1.85 11.27
CA TYR B 6 3.55 2.29 11.27
C TYR B 6 4.16 2.30 9.82
N TRP B 7 3.80 1.31 9.04
CA TRP B 7 4.32 1.15 7.69
C TRP B 7 3.78 2.32 6.87
N ALA B 8 2.50 2.73 7.13
CA ALA B 8 1.91 3.91 6.41
C ALA B 8 2.72 5.17 6.70
N GLN B 9 3.16 5.29 7.99
CA GLN B 9 3.98 6.41 8.45
C GLN B 9 5.27 6.43 7.75
N LEU B 10 5.79 5.28 7.42
CA LEU B 10 7.00 5.08 6.65
C LEU B 10 6.83 5.40 5.22
N MET B 11 5.68 5.07 4.69
CA MET B 11 5.44 5.38 3.27
C MET B 11 5.07 6.82 2.96
N GLN B 12 4.44 7.51 3.90
CA GLN B 12 3.85 8.83 3.58
C GLN B 12 4.96 9.83 3.52
N LEU C 3 -6.57 -11.90 -9.87
CA LEU C 3 -7.78 -12.37 -9.13
C LEU C 3 -9.12 -11.52 -9.16
N VAL C 4 -9.15 -10.18 -9.04
CA VAL C 4 -10.36 -9.38 -9.43
C VAL C 4 -10.08 -8.53 -10.67
N ARG C 5 -11.17 -8.23 -11.38
CA ARG C 5 -11.15 -7.51 -12.60
C ARG C 5 -11.98 -6.23 -12.46
N PRO C 6 -11.33 -5.08 -12.29
CA PRO C 6 -12.07 -3.79 -12.26
C PRO C 6 -12.91 -3.50 -13.48
N LYS C 7 -14.09 -2.89 -13.30
CA LYS C 7 -14.85 -2.42 -14.41
C LYS C 7 -14.16 -1.23 -15.02
N PRO C 8 -14.61 -0.75 -16.16
CA PRO C 8 -13.82 0.28 -16.85
C PRO C 8 -13.56 1.55 -16.18
N LEU C 9 -14.51 2.14 -15.43
CA LEU C 9 -14.12 3.37 -14.74
C LEU C 9 -13.14 3.20 -13.60
N LEU C 10 -13.29 2.14 -12.82
CA LEU C 10 -12.31 1.90 -11.82
C LEU C 10 -10.94 1.62 -12.45
N LEU C 11 -10.98 0.91 -13.54
CA LEU C 11 -9.76 0.61 -14.20
C LEU C 11 -9.04 1.90 -14.64
N LYS C 12 -9.78 2.84 -15.23
CA LYS C 12 -9.22 4.20 -15.48
C LYS C 12 -8.62 4.94 -14.30
N LEU C 13 -9.30 4.91 -13.13
CA LEU C 13 -8.73 5.51 -11.97
C LEU C 13 -7.36 4.84 -11.57
N LEU C 14 -7.36 3.52 -11.50
CA LEU C 14 -6.14 2.83 -11.32
C LEU C 14 -5.08 3.07 -12.38
N LYS C 15 -5.37 3.22 -13.66
CA LYS C 15 -4.29 3.52 -14.62
C LYS C 15 -3.74 4.90 -14.39
N SER C 16 -4.53 5.80 -13.75
CA SER C 16 -4.11 7.18 -13.63
C SER C 16 -3.01 7.25 -12.61
N VAL C 17 -2.90 6.28 -11.69
CA VAL C 17 -1.80 6.24 -10.74
C VAL C 17 -0.79 5.14 -11.05
N GLY C 18 -0.73 4.67 -12.30
CA GLY C 18 0.34 3.83 -12.77
C GLY C 18 0.10 2.37 -12.78
N ALA C 19 -1.11 1.91 -12.41
CA ALA C 19 -1.39 0.42 -12.54
C ALA C 19 -1.55 0.08 -14.06
N GLN C 20 -0.95 -1.01 -14.58
CA GLN C 20 -0.94 -1.31 -16.05
C GLN C 20 -1.78 -2.52 -16.36
N LYS C 21 -2.18 -3.23 -15.33
CA LYS C 21 -2.73 -4.51 -15.61
C LYS C 21 -4.26 -4.41 -15.52
N ASP C 22 -4.91 -5.50 -15.92
CA ASP C 22 -6.37 -5.54 -15.92
C ASP C 22 -6.94 -6.34 -14.76
N THR C 23 -6.11 -7.10 -14.08
CA THR C 23 -6.58 -7.94 -12.93
C THR C 23 -5.67 -7.74 -11.78
N TYR C 24 -6.21 -7.81 -10.59
CA TYR C 24 -5.51 -7.33 -9.43
C TYR C 24 -6.00 -8.11 -8.24
N THR C 25 -5.25 -8.09 -7.16
CA THR C 25 -5.78 -8.40 -5.86
C THR C 25 -6.57 -7.27 -5.33
N MET C 26 -7.50 -7.60 -4.44
CA MET C 26 -8.13 -6.56 -3.67
C MET C 26 -7.15 -5.66 -2.93
N LYS C 27 -6.08 -6.21 -2.38
CA LYS C 27 -5.07 -5.40 -1.65
C LYS C 27 -4.41 -4.38 -2.58
N GLU C 28 -4.04 -4.87 -3.75
CA GLU C 28 -3.54 -3.95 -4.80
C GLU C 28 -4.50 -2.87 -5.23
N VAL C 29 -5.80 -3.16 -5.43
CA VAL C 29 -6.79 -2.18 -5.71
C VAL C 29 -6.84 -1.09 -4.64
N LEU C 30 -6.87 -1.55 -3.39
CA LEU C 30 -6.87 -0.60 -2.31
C LEU C 30 -5.62 0.26 -2.25
N PHE C 31 -4.44 -0.33 -2.48
CA PHE C 31 -3.22 0.44 -2.49
C PHE C 31 -3.32 1.53 -3.48
N TYR C 32 -3.64 1.16 -4.75
CA TYR C 32 -3.75 2.19 -5.79
C TYR C 32 -4.86 3.27 -5.48
N LEU C 33 -5.99 2.86 -4.93
CA LEU C 33 -7.04 3.83 -4.53
C LEU C 33 -6.55 4.79 -3.46
N GLY C 34 -5.80 4.26 -2.50
CA GLY C 34 -5.16 5.16 -1.45
C GLY C 34 -4.14 6.13 -2.09
N GLN C 35 -3.38 5.67 -3.10
CA GLN C 35 -2.46 6.53 -3.80
C GLN C 35 -3.20 7.65 -4.62
N TYR C 36 -4.28 7.28 -5.26
CA TYR C 36 -5.15 8.24 -5.98
C TYR C 36 -5.63 9.34 -5.06
N ILE C 37 -6.15 8.94 -3.92
CA ILE C 37 -6.66 9.92 -2.96
C ILE C 37 -5.58 10.80 -2.38
N MET C 38 -4.47 10.21 -2.00
CA MET C 38 -3.32 10.96 -1.50
C MET C 38 -2.71 11.93 -2.52
N THR C 39 -2.47 11.44 -3.76
CA THR C 39 -1.82 12.27 -4.74
C THR C 39 -2.69 13.39 -5.23
N LYS C 40 -4.00 13.21 -5.23
CA LYS C 40 -4.94 14.28 -5.67
C LYS C 40 -5.37 15.15 -4.52
N ARG C 41 -4.88 14.89 -3.34
CA ARG C 41 -5.19 15.66 -2.12
C ARG C 41 -6.69 15.77 -1.91
N LEU C 42 -7.33 14.63 -1.97
CA LEU C 42 -8.76 14.58 -1.78
C LEU C 42 -9.12 14.56 -0.28
N TYR C 43 -8.21 14.23 0.60
CA TYR C 43 -8.56 14.17 2.01
C TYR C 43 -8.60 15.53 2.67
N ASP C 44 -9.35 15.70 3.76
CA ASP C 44 -9.37 16.88 4.52
C ASP C 44 -8.09 17.02 5.32
N GLU C 45 -7.39 18.15 5.30
CA GLU C 45 -6.02 18.20 5.90
C GLU C 45 -6.16 18.12 7.40
N LYS C 46 -7.28 18.60 7.99
CA LYS C 46 -7.45 18.55 9.49
C LYS C 46 -8.09 17.31 10.05
N GLN C 47 -9.03 16.69 9.33
CA GLN C 47 -9.67 15.46 9.69
C GLN C 47 -9.41 14.55 8.51
N GLN C 48 -8.26 13.88 8.56
CA GLN C 48 -7.74 13.22 7.31
C GLN C 48 -8.42 11.88 6.98
N HIS C 49 -9.31 11.40 7.86
CA HIS C 49 -10.30 10.40 7.46
C HIS C 49 -11.40 10.80 6.50
N ILE C 50 -11.61 12.10 6.27
CA ILE C 50 -12.63 12.54 5.35
C ILE C 50 -12.07 12.72 3.96
N VAL C 51 -12.73 12.09 3.01
CA VAL C 51 -12.35 12.19 1.56
C VAL C 51 -13.43 12.90 0.86
N TYR C 52 -13.06 13.96 0.15
CA TYR C 52 -13.97 14.70 -0.70
C TYR C 52 -13.84 14.26 -2.14
N CYS C 53 -14.92 13.85 -2.74
CA CYS C 53 -14.84 13.30 -4.12
C CYS C 53 -15.90 13.85 -5.04
N SER C 54 -16.55 14.98 -4.69
CA SER C 54 -17.45 15.62 -5.63
C SER C 54 -16.80 16.05 -6.94
N ASN C 55 -17.51 15.91 -8.04
CA ASN C 55 -16.92 16.16 -9.44
C ASN C 55 -15.52 15.52 -9.66
N ASP C 56 -15.28 14.37 -9.02
CA ASP C 56 -14.13 13.58 -9.30
C ASP C 56 -14.68 12.25 -9.75
N LEU C 57 -13.95 11.56 -10.60
CA LEU C 57 -14.29 10.22 -10.96
C LEU C 57 -14.55 9.32 -9.72
N LEU C 58 -13.82 9.50 -8.63
CA LEU C 58 -14.07 8.67 -7.53
C LEU C 58 -15.50 8.85 -6.98
N GLY C 59 -16.01 10.09 -7.02
CA GLY C 59 -17.41 10.39 -6.56
C GLY C 59 -18.49 9.72 -7.43
N ASP C 60 -18.20 9.63 -8.72
CA ASP C 60 -19.04 8.94 -9.65
C ASP C 60 -19.08 7.41 -9.27
N LEU C 61 -17.91 6.78 -9.12
CA LEU C 61 -17.82 5.34 -8.65
C LEU C 61 -18.61 5.09 -7.38
N PHE C 62 -18.43 5.95 -6.40
CA PHE C 62 -19.08 5.71 -5.11
C PHE C 62 -20.48 6.30 -5.00
N GLY C 63 -20.81 7.27 -5.83
CA GLY C 63 -22.11 7.84 -5.83
C GLY C 63 -22.41 8.73 -4.67
N VAL C 64 -21.35 9.19 -4.00
CA VAL C 64 -21.52 10.12 -2.87
C VAL C 64 -20.55 11.27 -3.07
N PRO C 65 -20.79 12.43 -2.47
CA PRO C 65 -19.85 13.56 -2.57
C PRO C 65 -18.60 13.53 -1.65
N SER C 66 -18.68 12.77 -0.58
CA SER C 66 -17.64 12.59 0.37
C SER C 66 -17.95 11.35 1.24
N PHE C 67 -16.93 10.83 1.85
CA PHE C 67 -17.04 9.68 2.71
C PHE C 67 -15.95 9.68 3.78
N SER C 68 -16.17 8.87 4.80
CA SER C 68 -15.14 8.63 5.78
C SER C 68 -14.44 7.28 5.59
N VAL C 69 -13.14 7.33 5.64
CA VAL C 69 -12.31 6.14 5.59
C VAL C 69 -12.67 5.16 6.71
N LYS C 70 -13.14 5.67 7.84
CA LYS C 70 -13.56 4.75 8.83
C LYS C 70 -14.77 3.80 8.52
N GLU C 71 -15.51 4.07 7.46
CA GLU C 71 -16.72 3.26 7.13
C GLU C 71 -16.15 2.10 6.29
N HIS C 72 -15.47 1.17 6.91
CA HIS C 72 -14.75 0.15 6.13
C HIS C 72 -15.70 -0.69 5.23
N ARG C 73 -16.82 -1.12 5.78
CA ARG C 73 -17.70 -2.06 5.01
C ARG C 73 -18.20 -1.41 3.74
N LYS C 74 -18.55 -0.16 3.91
CA LYS C 74 -19.08 0.69 2.91
C LYS C 74 -18.09 0.90 1.80
N ILE C 75 -16.82 1.13 2.16
CA ILE C 75 -15.78 1.26 1.10
C ILE C 75 -15.60 -0.08 0.33
N TYR C 76 -15.52 -1.16 1.07
CA TYR C 76 -15.38 -2.47 0.44
C TYR C 76 -16.57 -2.78 -0.50
N THR C 77 -17.77 -2.49 -0.01
CA THR C 77 -18.99 -2.69 -0.80
C THR C 77 -18.89 -1.92 -2.13
N MET C 78 -18.50 -0.67 -2.02
CA MET C 78 -18.36 0.22 -3.10
C MET C 78 -17.34 -0.28 -4.09
N ILE C 79 -16.23 -0.89 -3.64
CA ILE C 79 -15.27 -1.43 -4.53
C ILE C 79 -15.77 -2.70 -5.19
N TYR C 80 -16.32 -3.63 -4.41
CA TYR C 80 -16.86 -4.82 -5.01
C TYR C 80 -17.97 -4.57 -6.05
N ARG C 81 -18.75 -3.51 -5.95
CA ARG C 81 -19.72 -3.15 -6.99
C ARG C 81 -19.05 -2.78 -8.37
N ASN C 82 -17.78 -2.39 -8.34
CA ASN C 82 -16.98 -1.98 -9.51
C ASN C 82 -16.03 -3.05 -9.94
N LEU C 83 -16.35 -4.27 -9.58
CA LEU C 83 -15.66 -5.46 -10.11
C LEU C 83 -16.52 -6.27 -11.16
N VAL C 84 -15.89 -6.76 -12.26
CA VAL C 84 -16.62 -7.45 -13.37
C VAL C 84 -17.05 -8.79 -12.82
N LEU D 1 -4.73 11.03 13.36
CA LEU D 1 -3.97 10.18 12.46
C LEU D 1 -3.92 10.82 11.08
N THR D 2 -3.01 10.35 10.23
CA THR D 2 -2.97 10.81 8.87
C THR D 2 -3.81 9.96 7.94
N PHE D 3 -4.05 10.48 6.74
CA PHE D 3 -4.91 9.78 5.82
C PHE D 3 -4.36 8.34 5.63
N LEU D 4 -3.06 8.20 5.30
CA LEU D 4 -2.54 6.84 4.98
C LEU D 4 -2.61 5.88 6.20
N GLU D 5 -2.52 6.43 7.42
CA GLU D 5 -2.74 5.65 8.63
C GLU D 5 -4.22 5.12 8.68
N TYR D 6 -5.21 5.99 8.48
CA TYR D 6 -6.59 5.51 8.36
C TYR D 6 -6.76 4.50 7.23
N TRP D 7 -6.14 4.77 6.08
CA TRP D 7 -6.26 3.84 4.96
C TRP D 7 -5.67 2.48 5.28
N ALA D 8 -4.61 2.46 6.08
CA ALA D 8 -4.01 1.26 6.49
C ALA D 8 -5.01 0.34 7.30
N GLN D 9 -5.87 0.96 8.07
CA GLN D 9 -6.83 0.25 8.93
C GLN D 9 -7.82 -0.38 8.06
N LEU D 10 -8.17 0.34 7.01
CA LEU D 10 -9.06 -0.16 6.04
C LEU D 10 -8.50 -1.41 5.41
N MET D 11 -7.22 -1.46 5.17
CA MET D 11 -6.67 -2.59 4.45
C MET D 11 -6.39 -3.88 5.31
CL CL E . 0.82 10.14 13.94
#